data_2X4L
#
_entry.id   2X4L
#
_cell.length_a   51.840
_cell.length_b   57.540
_cell.length_c   102.970
_cell.angle_alpha   90.00
_cell.angle_beta   90.00
_cell.angle_gamma   90.00
#
_symmetry.space_group_name_H-M   'P 21 21 21'
#
loop_
_entity.id
_entity.type
_entity.pdbx_description
1 polymer 'FERRIC-SIDEROPHORE RECEPTOR PROTEIN'
2 water water
#
_entity_poly.entity_id   1
_entity_poly.type   'polypeptide(L)'
_entity_poly.pdbx_seq_one_letter_code
;GIDPFYMGGDGKSDGAGDGSGGAAKSGPWSFKDDRGTTVKLDKVPANIVAFTGVAAALFDYGVEVKGVFGPTTTKDGKPD
VQAGDLDVDKVTVLGNEWGKLNVEKYASLAPEVLITTTFDTAGTLWSVPEESKDKVAKLAPSVAISVFDRQLTQPLQRMW
ELAESLGADMKAKKVTDAKAAFDKAAARLRAAAKAKPEIRVLAGSASPDLFYVSGTNLSVDLEYFKALGVNFVEPSEDAK
KATGGWFESLSWENVDKYPADVIIMDDRASTIQPADITEGTWKQLPAVKAGQVIARSPEPILSYDKCTPLLDNLAEAIEN
AKKVG
;
_entity_poly.pdbx_strand_id   A
#
# COMPACT_ATOMS: atom_id res chain seq x y z
N PRO A 28 11.35 -26.19 -12.98
CA PRO A 28 10.21 -26.09 -12.02
C PRO A 28 10.29 -24.84 -11.19
N TRP A 29 9.14 -24.42 -10.70
CA TRP A 29 9.06 -23.22 -9.89
C TRP A 29 8.35 -23.52 -8.61
N SER A 30 8.89 -22.99 -7.50
CA SER A 30 8.31 -23.23 -6.17
C SER A 30 8.33 -21.89 -5.41
N PHE A 31 7.27 -21.60 -4.66
CA PHE A 31 7.32 -20.47 -3.74
C PHE A 31 6.47 -20.75 -2.51
N LYS A 32 7.00 -20.51 -1.33
CA LYS A 32 6.26 -20.67 -0.10
C LYS A 32 5.79 -19.25 0.33
N ASP A 33 4.49 -19.01 0.34
CA ASP A 33 4.00 -17.67 0.66
C ASP A 33 3.78 -17.38 2.16
N ASP A 34 3.18 -16.26 2.48
CA ASP A 34 3.11 -15.83 3.89
C ASP A 34 1.93 -16.40 4.64
N ARG A 35 1.18 -17.29 3.96
CA ARG A 35 0.23 -18.11 4.64
C ARG A 35 0.91 -19.42 4.98
N GLY A 36 2.18 -19.61 4.56
CA GLY A 36 2.85 -20.90 4.84
C GLY A 36 2.57 -22.00 3.77
N THR A 37 1.93 -21.61 2.68
CA THR A 37 1.63 -22.60 1.66
C THR A 37 2.65 -22.54 0.52
N THR A 38 3.07 -23.71 0.06
CA THR A 38 4.09 -23.80 -0.96
C THR A 38 3.41 -24.17 -2.25
N VAL A 39 3.52 -23.29 -3.21
CA VAL A 39 3.01 -23.60 -4.55
C VAL A 39 4.16 -24.14 -5.37
N LYS A 40 3.95 -25.27 -6.04
CA LYS A 40 4.97 -25.90 -6.90
C LYS A 40 4.38 -26.14 -8.27
N LEU A 41 5.01 -25.60 -9.33
CA LEU A 41 4.52 -25.82 -10.73
C LEU A 41 5.66 -26.38 -11.51
N ASP A 42 5.34 -27.04 -12.60
CA ASP A 42 6.39 -27.70 -13.35
C ASP A 42 7.18 -26.67 -14.15
N LYS A 43 6.58 -25.49 -14.38
CA LYS A 43 7.34 -24.45 -15.07
C LYS A 43 7.04 -23.16 -14.37
N VAL A 44 7.86 -22.13 -14.61
CA VAL A 44 7.62 -20.81 -14.07
C VAL A 44 6.34 -20.29 -14.72
N PRO A 45 5.38 -19.80 -13.92
CA PRO A 45 4.08 -19.36 -14.58
C PRO A 45 4.28 -18.19 -15.53
N ALA A 46 3.77 -18.34 -16.72
CA ALA A 46 3.79 -17.38 -17.75
C ALA A 46 2.54 -16.51 -17.61
N ASN A 47 1.44 -17.07 -17.07
CA ASN A 47 0.11 -16.31 -17.04
C ASN A 47 -0.24 -15.99 -15.63
N ILE A 48 0.26 -14.85 -15.13
CA ILE A 48 0.11 -14.44 -13.79
C ILE A 48 -1.08 -13.46 -13.72
N VAL A 49 -1.91 -13.62 -12.71
CA VAL A 49 -2.92 -12.61 -12.40
C VAL A 49 -2.67 -12.07 -11.04
N ALA A 50 -2.73 -10.77 -10.89
CA ALA A 50 -2.39 -10.20 -9.57
C ALA A 50 -3.29 -9.03 -9.19
N PHE A 51 -3.43 -8.78 -7.90
CA PHE A 51 -4.01 -7.56 -7.43
C PHE A 51 -3.18 -6.41 -8.11
N THR A 52 -3.90 -5.35 -8.49
CA THR A 52 -3.22 -4.30 -9.25
C THR A 52 -1.91 -3.87 -8.56
N GLY A 53 -1.94 -3.63 -7.23
CA GLY A 53 -0.73 -3.11 -6.54
C GLY A 53 0.40 -4.12 -6.57
N VAL A 54 0.08 -5.40 -6.56
CA VAL A 54 1.11 -6.45 -6.66
C VAL A 54 1.65 -6.52 -8.09
N ALA A 55 0.76 -6.41 -9.11
CA ALA A 55 1.26 -6.31 -10.52
C ALA A 55 2.18 -5.10 -10.68
N ALA A 56 1.86 -3.98 -10.01
CA ALA A 56 2.66 -2.76 -10.15
C ALA A 56 4.07 -3.06 -9.62
N ALA A 57 4.12 -3.78 -8.48
CA ALA A 57 5.47 -4.12 -7.90
C ALA A 57 6.25 -5.05 -8.81
N LEU A 58 5.58 -6.09 -9.28
CA LEU A 58 6.27 -7.05 -10.15
C LEU A 58 6.75 -6.35 -11.43
N PHE A 59 5.98 -5.40 -11.97
CA PHE A 59 6.40 -4.65 -13.15
C PHE A 59 7.78 -3.97 -12.93
N ASP A 60 8.00 -3.39 -11.75
CA ASP A 60 9.28 -2.72 -11.51
C ASP A 60 10.50 -3.68 -11.45
N TYR A 61 10.19 -4.98 -11.30
CA TYR A 61 11.23 -6.01 -11.42
C TYR A 61 11.19 -6.72 -12.75
N GLY A 62 10.45 -6.18 -13.72
CA GLY A 62 10.40 -6.72 -15.07
C GLY A 62 9.66 -8.02 -15.18
N VAL A 63 8.70 -8.25 -14.29
CA VAL A 63 7.84 -9.45 -14.39
C VAL A 63 6.48 -8.99 -14.87
N GLU A 64 6.07 -9.48 -16.04
CA GLU A 64 4.78 -9.08 -16.59
C GLU A 64 3.66 -9.92 -16.04
N VAL A 65 2.50 -9.31 -15.85
CA VAL A 65 1.28 -10.06 -15.56
C VAL A 65 0.28 -10.01 -16.75
N LYS A 66 -0.61 -11.00 -16.81
CA LYS A 66 -1.62 -11.00 -17.87
C LYS A 66 -2.93 -10.34 -17.42
N GLY A 67 -3.27 -10.43 -16.11
CA GLY A 67 -4.53 -9.82 -15.67
C GLY A 67 -4.32 -9.19 -14.30
N VAL A 68 -5.14 -8.16 -14.05
CA VAL A 68 -5.09 -7.48 -12.76
C VAL A 68 -6.52 -7.34 -12.24
N PHE A 69 -6.62 -7.13 -10.92
CA PHE A 69 -7.89 -6.76 -10.30
C PHE A 69 -7.58 -5.80 -9.16
N GLY A 70 -8.39 -4.73 -9.13
CA GLY A 70 -8.18 -3.68 -8.11
C GLY A 70 -8.32 -2.35 -8.81
N PRO A 71 -8.17 -1.28 -8.01
CA PRO A 71 -8.19 0.06 -8.61
C PRO A 71 -7.08 0.15 -9.63
N THR A 72 -7.44 0.33 -10.92
CA THR A 72 -6.46 0.24 -12.00
C THR A 72 -6.39 1.48 -12.86
N THR A 73 -7.60 1.99 -13.26
CA THR A 73 -7.62 3.27 -13.97
C THR A 73 -8.58 4.20 -13.26
N THR A 74 -8.35 5.47 -13.47
CA THR A 74 -9.25 6.52 -12.99
C THR A 74 -10.31 6.78 -14.04
N LYS A 75 -11.27 7.64 -13.71
CA LYS A 75 -12.32 7.98 -14.66
C LYS A 75 -11.89 8.72 -15.92
N ASP A 76 -10.68 9.28 -15.86
CA ASP A 76 -10.08 9.88 -17.06
C ASP A 76 -9.30 8.90 -17.87
N GLY A 77 -9.24 7.66 -17.40
CA GLY A 77 -8.61 6.62 -18.16
C GLY A 77 -7.14 6.57 -17.78
N LYS A 78 -6.71 7.38 -16.81
CA LYS A 78 -5.27 7.35 -16.39
C LYS A 78 -5.01 6.22 -15.43
N PRO A 79 -3.76 5.77 -15.33
CA PRO A 79 -3.46 4.75 -14.30
C PRO A 79 -3.71 5.26 -12.90
N ASP A 80 -4.34 4.40 -12.09
CA ASP A 80 -4.54 4.64 -10.66
C ASP A 80 -3.17 4.67 -9.98
N VAL A 81 -3.08 5.31 -8.83
CA VAL A 81 -1.82 5.26 -8.09
C VAL A 81 -1.39 3.85 -7.80
N GLN A 82 -2.33 2.89 -7.55
CA GLN A 82 -1.89 1.52 -7.26
C GLN A 82 -1.45 0.74 -8.47
N ALA A 83 -1.55 1.33 -9.67
CA ALA A 83 -1.08 0.63 -10.85
C ALA A 83 0.42 0.97 -11.10
N GLY A 84 1.00 1.93 -10.36
CA GLY A 84 2.46 2.23 -10.58
C GLY A 84 2.70 2.53 -12.04
N ASP A 85 3.69 1.85 -12.56
CA ASP A 85 4.12 2.11 -13.94
C ASP A 85 3.58 1.03 -14.88
N LEU A 86 2.62 0.18 -14.45
CA LEU A 86 2.09 -0.88 -15.26
C LEU A 86 1.55 -0.32 -16.56
N ASP A 87 1.68 -1.10 -17.65
CA ASP A 87 0.96 -0.81 -18.89
C ASP A 87 -0.46 -1.27 -18.75
N VAL A 88 -1.30 -0.35 -18.30
CA VAL A 88 -2.70 -0.71 -17.99
C VAL A 88 -3.52 -1.04 -19.23
N ASP A 89 -3.08 -0.60 -20.42
CA ASP A 89 -3.78 -0.99 -21.66
C ASP A 89 -3.46 -2.45 -21.96
N LYS A 90 -2.23 -2.94 -21.70
CA LYS A 90 -1.89 -4.29 -22.12
C LYS A 90 -2.50 -5.36 -21.27
N VAL A 91 -2.54 -5.12 -19.99
CA VAL A 91 -3.08 -6.15 -19.11
C VAL A 91 -4.60 -6.19 -19.20
N THR A 92 -5.19 -7.33 -18.84
CA THR A 92 -6.65 -7.40 -18.82
C THR A 92 -7.11 -7.02 -17.42
N VAL A 93 -7.98 -6.00 -17.32
CA VAL A 93 -8.50 -5.59 -16.08
C VAL A 93 -9.77 -6.43 -15.80
N LEU A 94 -9.70 -7.21 -14.69
CA LEU A 94 -10.76 -8.12 -14.32
C LEU A 94 -11.76 -7.45 -13.40
N GLY A 95 -11.35 -6.34 -12.80
CA GLY A 95 -12.18 -5.59 -11.87
C GLY A 95 -11.36 -4.28 -11.64
N ASN A 96 -12.07 -3.16 -11.48
CA ASN A 96 -11.41 -1.82 -11.49
C ASN A 96 -11.65 -1.08 -10.19
N GLU A 97 -11.86 -1.85 -9.13
CA GLU A 97 -12.08 -1.35 -7.77
C GLU A 97 -11.71 -2.56 -6.86
N TRP A 98 -11.57 -2.28 -5.57
CA TRP A 98 -11.37 -3.37 -4.63
C TRP A 98 -12.58 -4.33 -4.61
N GLY A 99 -12.28 -5.62 -4.48
CA GLY A 99 -13.31 -6.63 -4.30
C GLY A 99 -14.11 -7.01 -5.50
N LYS A 100 -13.52 -6.85 -6.68
CA LYS A 100 -14.20 -7.15 -7.94
C LYS A 100 -13.27 -7.94 -8.87
N LEU A 101 -13.78 -9.06 -9.37
CA LEU A 101 -12.92 -9.96 -10.19
C LEU A 101 -13.82 -10.84 -11.04
N ASN A 102 -13.96 -10.57 -12.33
CA ASN A 102 -14.90 -11.33 -13.12
C ASN A 102 -14.35 -12.75 -13.40
N VAL A 103 -15.06 -13.79 -12.92
CA VAL A 103 -14.45 -15.16 -12.97
C VAL A 103 -14.38 -15.70 -14.37
N GLU A 104 -15.39 -15.39 -15.20
CA GLU A 104 -15.35 -15.90 -16.57
C GLU A 104 -14.17 -15.29 -17.33
N LYS A 105 -13.95 -13.98 -17.16
CA LYS A 105 -12.86 -13.36 -17.88
C LYS A 105 -11.54 -13.82 -17.27
N TYR A 106 -11.47 -14.10 -15.93
CA TYR A 106 -10.26 -14.63 -15.35
C TYR A 106 -9.91 -16.01 -16.02
N ALA A 107 -10.92 -16.89 -16.12
CA ALA A 107 -10.66 -18.17 -16.77
C ALA A 107 -10.10 -18.02 -18.17
N SER A 108 -10.61 -17.00 -18.90
CA SER A 108 -10.17 -16.77 -20.29
C SER A 108 -8.67 -16.45 -20.39
N LEU A 109 -8.01 -16.07 -19.28
CA LEU A 109 -6.57 -15.76 -19.29
C LEU A 109 -5.77 -16.99 -19.11
N ALA A 110 -6.37 -18.18 -18.95
CA ALA A 110 -5.60 -19.40 -18.66
C ALA A 110 -4.61 -19.20 -17.51
N PRO A 111 -5.12 -18.74 -16.36
CA PRO A 111 -4.24 -18.30 -15.29
C PRO A 111 -3.45 -19.45 -14.70
N GLU A 112 -2.20 -19.18 -14.35
CA GLU A 112 -1.28 -20.18 -13.74
C GLU A 112 -1.03 -19.90 -12.26
N VAL A 113 -1.15 -18.65 -11.83
CA VAL A 113 -1.05 -18.30 -10.39
C VAL A 113 -1.74 -16.96 -10.25
N LEU A 114 -2.38 -16.80 -9.11
CA LEU A 114 -2.96 -15.51 -8.64
C LEU A 114 -2.13 -15.02 -7.45
N ILE A 115 -1.80 -13.74 -7.47
CA ILE A 115 -0.88 -13.18 -6.43
C ILE A 115 -1.56 -11.92 -5.84
N THR A 116 -1.65 -11.85 -4.54
CA THR A 116 -2.16 -10.67 -3.89
C THR A 116 -1.57 -10.50 -2.52
N THR A 117 -1.97 -9.47 -1.82
CA THR A 117 -1.53 -9.25 -0.47
C THR A 117 -2.57 -9.81 0.48
N THR A 118 -2.21 -9.80 1.77
CA THR A 118 -3.17 -10.21 2.81
C THR A 118 -3.01 -9.34 4.09
N PHE A 119 -4.12 -8.95 4.66
CA PHE A 119 -4.16 -8.01 5.79
C PHE A 119 -4.62 -8.61 7.09
N ASP A 120 -4.65 -9.95 7.18
CA ASP A 120 -5.15 -10.47 8.45
C ASP A 120 -4.51 -11.79 8.80
N THR A 121 -4.81 -12.24 10.02
CA THR A 121 -4.31 -13.53 10.47
C THR A 121 -4.81 -14.67 9.63
N ALA A 122 -6.06 -14.56 9.19
CA ALA A 122 -6.64 -15.62 8.38
C ALA A 122 -5.97 -15.87 7.03
N GLY A 123 -5.15 -14.91 6.56
CA GLY A 123 -4.68 -15.03 5.18
C GLY A 123 -5.72 -14.72 4.11
N THR A 124 -6.74 -13.94 4.44
CA THR A 124 -7.75 -13.54 3.46
C THR A 124 -7.07 -12.91 2.21
N LEU A 125 -7.41 -13.40 1.02
CA LEU A 125 -6.77 -12.85 -0.21
C LEU A 125 -7.34 -11.47 -0.50
N TRP A 126 -6.48 -10.44 -0.40
CA TRP A 126 -7.00 -9.06 -0.54
C TRP A 126 -7.57 -8.80 -1.91
N SER A 127 -8.79 -8.30 -1.91
CA SER A 127 -9.51 -7.82 -3.07
C SER A 127 -10.15 -8.94 -3.91
N VAL A 128 -9.97 -10.21 -3.53
CA VAL A 128 -10.64 -11.31 -4.24
C VAL A 128 -12.04 -11.29 -3.66
N PRO A 129 -13.08 -11.19 -4.52
CA PRO A 129 -14.44 -11.05 -3.98
C PRO A 129 -14.79 -12.19 -3.05
N GLU A 130 -15.32 -11.83 -1.87
CA GLU A 130 -15.70 -12.85 -0.97
C GLU A 130 -16.74 -13.77 -1.53
N GLU A 131 -17.65 -13.23 -2.31
CA GLU A 131 -18.74 -14.08 -2.83
C GLU A 131 -18.32 -15.04 -3.92
N SER A 132 -17.09 -14.91 -4.41
CA SER A 132 -16.67 -15.80 -5.52
C SER A 132 -15.29 -16.37 -5.34
N LYS A 133 -14.74 -16.21 -4.13
CA LYS A 133 -13.33 -16.61 -3.91
C LYS A 133 -13.13 -18.10 -4.16
N ASP A 134 -14.13 -18.93 -3.86
CA ASP A 134 -14.01 -20.36 -4.12
C ASP A 134 -13.94 -20.67 -5.60
N LYS A 135 -14.73 -19.95 -6.38
CA LYS A 135 -14.67 -20.14 -7.85
C LYS A 135 -13.34 -19.72 -8.40
N VAL A 136 -12.86 -18.58 -7.94
CA VAL A 136 -11.55 -18.11 -8.34
C VAL A 136 -10.52 -19.13 -7.94
N ALA A 137 -10.57 -19.68 -6.73
CA ALA A 137 -9.51 -20.64 -6.34
C ALA A 137 -9.39 -21.93 -7.13
N LYS A 138 -10.49 -22.31 -7.79
CA LYS A 138 -10.47 -23.51 -8.59
C LYS A 138 -9.52 -23.36 -9.77
N LEU A 139 -9.40 -22.13 -10.29
CA LEU A 139 -8.74 -21.95 -11.58
C LEU A 139 -7.24 -21.77 -11.55
N ALA A 140 -6.68 -21.51 -10.37
CA ALA A 140 -5.22 -21.47 -10.24
C ALA A 140 -4.82 -21.36 -8.79
N PRO A 141 -3.61 -21.81 -8.42
CA PRO A 141 -3.16 -21.64 -7.06
C PRO A 141 -2.92 -20.13 -6.80
N SER A 142 -2.85 -19.81 -5.51
CA SER A 142 -2.58 -18.46 -5.09
C SER A 142 -1.36 -18.30 -4.21
N VAL A 143 -0.86 -17.08 -4.21
CA VAL A 143 0.30 -16.70 -3.39
C VAL A 143 -0.11 -15.38 -2.70
N ALA A 144 -0.03 -15.36 -1.37
CA ALA A 144 -0.32 -14.14 -0.62
C ALA A 144 0.99 -13.62 0.04
N ILE A 145 1.20 -12.33 -0.06
CA ILE A 145 2.23 -11.62 0.61
C ILE A 145 1.64 -10.78 1.72
N SER A 146 2.05 -11.05 2.94
CA SER A 146 1.43 -10.38 4.11
C SER A 146 1.94 -8.97 4.35
N VAL A 147 0.94 -8.10 4.48
CA VAL A 147 1.16 -6.71 4.87
C VAL A 147 0.37 -6.39 6.18
N PHE A 148 0.37 -7.37 7.07
CA PHE A 148 -0.30 -7.27 8.41
C PHE A 148 0.74 -7.26 9.53
N ASP A 149 0.74 -6.20 10.36
CA ASP A 149 1.37 -6.38 11.71
C ASP A 149 2.85 -6.71 11.55
N ARG A 150 3.51 -5.92 10.71
CA ARG A 150 4.95 -6.05 10.49
C ARG A 150 5.47 -4.77 9.82
N GLN A 151 6.79 -4.58 9.72
CA GLN A 151 7.32 -3.44 9.06
C GLN A 151 7.50 -3.69 7.61
N LEU A 152 7.40 -2.60 6.86
CA LEU A 152 7.45 -2.58 5.40
C LEU A 152 8.62 -3.36 4.78
N THR A 153 9.76 -3.37 5.44
CA THR A 153 10.92 -4.03 4.89
C THR A 153 10.66 -5.54 4.71
N GLN A 154 9.77 -6.08 5.53
CA GLN A 154 9.39 -7.48 5.43
C GLN A 154 8.80 -7.80 4.07
N PRO A 155 7.58 -7.37 3.81
CA PRO A 155 6.96 -7.65 2.52
C PRO A 155 7.77 -7.16 1.34
N LEU A 156 8.60 -6.11 1.52
CA LEU A 156 9.50 -5.73 0.39
C LEU A 156 10.48 -6.83 0.04
N GLN A 157 11.09 -7.38 1.06
CA GLN A 157 12.03 -8.43 0.68
C GLN A 157 11.29 -9.69 0.23
N ARG A 158 10.08 -9.98 0.78
CA ARG A 158 9.29 -11.20 0.39
C ARG A 158 8.88 -11.05 -1.12
N MET A 159 8.41 -9.84 -1.50
CA MET A 159 8.05 -9.56 -2.91
C MET A 159 9.25 -9.62 -3.86
N TRP A 160 10.42 -9.13 -3.39
CA TRP A 160 11.65 -9.28 -4.14
C TRP A 160 11.98 -10.74 -4.39
N GLU A 161 11.90 -11.56 -3.35
CA GLU A 161 12.16 -13.01 -3.54
C GLU A 161 11.18 -13.59 -4.57
N LEU A 162 9.89 -13.21 -4.48
CA LEU A 162 8.91 -13.75 -5.41
C LEU A 162 9.24 -13.30 -6.83
N ALA A 163 9.55 -12.04 -7.01
CA ALA A 163 9.86 -11.58 -8.35
C ALA A 163 11.08 -12.30 -8.99
N GLU A 164 12.14 -12.50 -8.22
CA GLU A 164 13.33 -13.26 -8.67
C GLU A 164 12.95 -14.69 -9.06
N SER A 165 12.07 -15.32 -8.27
CA SER A 165 11.66 -16.71 -8.60
C SER A 165 10.90 -16.76 -9.92
N LEU A 166 10.21 -15.69 -10.24
CA LEU A 166 9.45 -15.58 -11.48
C LEU A 166 10.27 -15.12 -12.72
N GLY A 167 11.56 -14.86 -12.54
CA GLY A 167 12.37 -14.52 -13.71
C GLY A 167 12.95 -13.14 -13.74
N ALA A 168 12.81 -12.39 -12.65
CA ALA A 168 13.43 -11.06 -12.60
C ALA A 168 14.98 -11.15 -12.49
N ASP A 169 15.66 -10.08 -12.81
CA ASP A 169 17.12 -10.10 -12.53
C ASP A 169 17.24 -9.21 -11.30
N MET A 170 17.41 -9.83 -10.12
CA MET A 170 17.48 -9.05 -8.86
C MET A 170 18.87 -8.41 -8.59
N LYS A 171 19.84 -8.86 -9.38
CA LYS A 171 21.11 -8.19 -9.36
C LYS A 171 21.26 -7.20 -10.53
N ALA A 172 20.14 -6.92 -11.22
CA ALA A 172 20.09 -5.88 -12.26
C ALA A 172 20.39 -4.53 -11.65
N LYS A 173 21.22 -3.74 -12.32
CA LYS A 173 21.50 -2.42 -11.83
C LYS A 173 20.21 -1.63 -11.54
N LYS A 174 19.13 -1.72 -12.35
CA LYS A 174 17.85 -1.01 -12.06
C LYS A 174 17.40 -1.34 -10.60
N VAL A 175 17.40 -2.63 -10.25
CA VAL A 175 17.02 -3.12 -8.91
C VAL A 175 18.02 -2.83 -7.74
N THR A 176 19.29 -3.12 -7.88
CA THR A 176 20.21 -2.78 -6.77
C THR A 176 20.32 -1.28 -6.59
N ASP A 177 20.14 -0.49 -7.67
CA ASP A 177 20.14 0.98 -7.50
C ASP A 177 18.85 1.31 -6.72
N ALA A 178 17.75 0.62 -7.03
CA ALA A 178 16.55 0.92 -6.33
C ALA A 178 16.62 0.66 -4.83
N LYS A 179 17.25 -0.47 -4.51
CA LYS A 179 17.41 -0.85 -3.10
C LYS A 179 18.36 0.14 -2.42
N ALA A 180 19.42 0.58 -3.10
CA ALA A 180 20.32 1.56 -2.49
C ALA A 180 19.57 2.85 -2.29
N ALA A 181 18.68 3.25 -3.24
CA ALA A 181 17.97 4.51 -3.08
C ALA A 181 16.96 4.37 -1.91
N PHE A 182 16.36 3.21 -1.72
CA PHE A 182 15.43 3.02 -0.62
C PHE A 182 16.26 3.12 0.67
N ASP A 183 17.45 2.48 0.74
CA ASP A 183 18.17 2.53 2.01
C ASP A 183 18.58 3.96 2.32
N LYS A 184 18.92 4.73 1.28
CA LYS A 184 19.29 6.14 1.43
C LYS A 184 18.08 6.94 1.97
N ALA A 185 16.91 6.70 1.43
CA ALA A 185 15.73 7.44 1.85
C ALA A 185 15.35 7.03 3.25
N ALA A 186 15.54 5.77 3.63
CA ALA A 186 15.25 5.40 5.02
C ALA A 186 16.21 6.11 5.98
N ALA A 187 17.53 6.17 5.63
CA ALA A 187 18.44 6.95 6.50
C ALA A 187 18.04 8.43 6.51
N ARG A 188 17.56 8.96 5.38
CA ARG A 188 17.15 10.34 5.35
C ARG A 188 15.95 10.54 6.30
N LEU A 189 14.97 9.64 6.34
CA LEU A 189 13.81 9.83 7.27
C LEU A 189 14.28 9.65 8.68
N ARG A 190 15.19 8.74 8.92
CA ARG A 190 15.72 8.61 10.30
C ARG A 190 16.36 9.88 10.77
N ALA A 191 17.15 10.48 9.87
CA ALA A 191 17.84 11.75 10.22
C ALA A 191 16.82 12.88 10.43
N ALA A 192 15.82 12.92 9.55
CA ALA A 192 14.83 14.01 9.63
C ALA A 192 14.11 13.90 11.01
N ALA A 193 13.75 12.66 11.40
CA ALA A 193 12.99 12.44 12.61
C ALA A 193 13.85 12.72 13.82
N LYS A 194 15.16 12.46 13.72
CA LYS A 194 16.07 12.87 14.79
C LYS A 194 16.21 14.38 14.92
N ALA A 195 16.26 15.06 13.77
CA ALA A 195 16.35 16.55 13.79
C ALA A 195 15.12 17.26 14.27
N LYS A 196 13.96 16.64 14.05
CA LYS A 196 12.61 17.33 14.24
C LYS A 196 11.68 16.49 15.12
N PRO A 197 12.09 16.18 16.39
CA PRO A 197 11.39 15.17 17.20
C PRO A 197 10.04 15.78 17.63
N GLU A 198 9.94 17.10 17.49
CA GLU A 198 8.70 17.80 17.96
C GLU A 198 7.60 17.78 16.92
N ILE A 199 7.94 17.41 15.70
CA ILE A 199 6.95 17.35 14.58
C ILE A 199 6.04 16.13 14.68
N ARG A 200 4.75 16.35 14.91
CA ARG A 200 3.74 15.28 15.15
C ARG A 200 3.04 14.98 13.83
N VAL A 201 3.12 13.75 13.38
CA VAL A 201 2.49 13.29 12.13
C VAL A 201 1.19 12.55 12.37
N LEU A 202 0.12 12.93 11.65
CA LEU A 202 -1.15 12.31 11.77
C LEU A 202 -1.45 11.60 10.50
N ALA A 203 -1.78 10.32 10.56
CA ALA A 203 -2.16 9.50 9.37
C ALA A 203 -3.70 9.46 9.29
N GLY A 204 -4.23 10.04 8.21
CA GLY A 204 -5.68 10.10 8.06
C GLY A 204 -6.17 9.53 6.73
N SER A 205 -7.47 9.31 6.70
CA SER A 205 -8.13 8.88 5.45
C SER A 205 -9.51 9.48 5.47
N ALA A 206 -9.87 10.05 4.35
CA ALA A 206 -11.13 10.79 4.32
C ALA A 206 -12.27 10.05 3.57
N SER A 207 -13.48 10.05 4.13
CA SER A 207 -14.69 9.57 3.49
C SER A 207 -15.79 10.59 3.78
N PRO A 208 -16.95 10.43 3.17
CA PRO A 208 -18.01 11.41 3.50
C PRO A 208 -18.49 11.42 4.95
N ASP A 209 -18.70 10.24 5.55
CA ASP A 209 -19.15 10.34 6.95
C ASP A 209 -18.13 10.47 8.01
N LEU A 210 -16.88 10.07 7.70
CA LEU A 210 -15.95 9.91 8.75
C LEU A 210 -14.58 10.22 8.22
N PHE A 211 -13.84 10.76 9.13
CA PHE A 211 -12.38 10.88 8.92
C PHE A 211 -11.74 9.84 9.80
N TYR A 212 -10.91 9.01 9.18
CA TYR A 212 -10.29 7.90 9.98
C TYR A 212 -8.85 8.25 10.37
N VAL A 213 -8.53 8.13 11.65
CA VAL A 213 -7.14 8.40 12.13
C VAL A 213 -6.53 7.05 12.37
N SER A 214 -5.49 6.73 11.66
CA SER A 214 -4.78 5.45 11.89
C SER A 214 -3.78 5.60 12.99
N GLY A 215 -3.63 4.50 13.73
CA GLY A 215 -2.47 4.31 14.59
C GLY A 215 -1.37 3.63 13.77
N THR A 216 -0.15 3.62 14.32
CA THR A 216 0.99 3.04 13.62
C THR A 216 0.96 1.52 13.59
N ASN A 217 0.39 0.92 14.64
CA ASN A 217 0.34 -0.54 14.76
C ASN A 217 -0.56 -1.19 13.72
N LEU A 218 -0.03 -2.20 13.03
CA LEU A 218 -0.81 -2.96 12.07
C LEU A 218 -0.52 -2.61 10.61
N SER A 219 -0.08 -1.38 10.36
CA SER A 219 0.20 -0.95 8.99
C SER A 219 1.69 -1.12 8.69
N VAL A 220 2.02 -1.60 7.50
CA VAL A 220 3.46 -1.85 7.20
C VAL A 220 4.24 -0.58 7.07
N ASP A 221 3.64 0.43 6.43
CA ASP A 221 4.33 1.73 6.25
C ASP A 221 4.53 2.41 7.58
N LEU A 222 3.44 2.60 8.31
CA LEU A 222 3.51 3.35 9.56
C LEU A 222 4.40 2.67 10.57
N GLU A 223 4.38 1.31 10.66
CA GLU A 223 5.22 0.64 11.64
C GLU A 223 6.68 0.90 11.29
N TYR A 224 7.01 0.95 9.99
CA TYR A 224 8.39 1.18 9.62
C TYR A 224 8.78 2.66 9.90
N PHE A 225 7.92 3.58 9.51
CA PHE A 225 8.21 5.03 9.76
C PHE A 225 8.39 5.26 11.28
N LYS A 226 7.55 4.65 12.09
CA LYS A 226 7.69 4.72 13.56
C LYS A 226 9.03 4.17 14.06
N ALA A 227 9.42 3.03 13.50
CA ALA A 227 10.71 2.39 13.87
C ALA A 227 11.87 3.32 13.53
N LEU A 228 11.70 4.12 12.44
CA LEU A 228 12.78 5.03 12.00
C LEU A 228 12.73 6.30 12.83
N GLY A 229 11.78 6.44 13.76
CA GLY A 229 11.79 7.51 14.76
C GLY A 229 10.76 8.60 14.58
N VAL A 230 9.88 8.46 13.62
CA VAL A 230 8.82 9.47 13.35
C VAL A 230 7.87 9.54 14.54
N ASN A 231 7.51 10.77 14.92
CA ASN A 231 6.59 11.03 16.05
C ASN A 231 5.17 11.05 15.48
N PHE A 232 4.47 9.96 15.66
CA PHE A 232 3.06 9.89 15.24
C PHE A 232 2.08 10.20 16.32
N VAL A 233 0.99 10.84 15.90
CA VAL A 233 -0.25 10.84 16.70
C VAL A 233 -0.76 9.40 16.77
N GLU A 234 -1.05 8.95 17.98
CA GLU A 234 -1.48 7.58 18.19
C GLU A 234 -2.77 7.62 18.97
N PRO A 235 -3.87 7.38 18.29
CA PRO A 235 -5.14 7.16 19.02
C PRO A 235 -4.96 5.99 20.00
N SER A 236 -5.71 6.08 21.13
CA SER A 236 -5.61 5.01 22.12
C SER A 236 -6.11 3.68 21.51
N GLU A 237 -5.69 2.55 22.08
CA GLU A 237 -6.25 1.28 21.68
C GLU A 237 -7.77 1.32 21.90
N ASP A 238 -8.26 1.97 22.95
CA ASP A 238 -9.69 2.03 23.20
C ASP A 238 -10.37 2.73 22.05
N ALA A 239 -9.75 3.82 21.57
CA ALA A 239 -10.34 4.62 20.46
C ALA A 239 -10.33 3.83 19.13
N LYS A 240 -9.51 2.80 18.98
CA LYS A 240 -9.46 2.04 17.76
C LYS A 240 -10.18 0.71 17.81
N LYS A 241 -10.83 0.40 18.93
CA LYS A 241 -11.30 -1.01 19.09
C LYS A 241 -12.42 -1.35 18.14
N ALA A 242 -13.16 -0.33 17.65
CA ALA A 242 -14.21 -0.70 16.70
C ALA A 242 -13.71 -1.26 15.33
N THR A 243 -12.43 -1.19 15.11
CA THR A 243 -11.82 -1.76 13.94
C THR A 243 -10.76 -2.75 14.36
N GLY A 244 -10.78 -3.28 15.60
CA GLY A 244 -9.77 -4.30 16.02
C GLY A 244 -8.37 -3.73 16.07
N GLY A 245 -8.24 -2.43 16.22
CA GLY A 245 -7.00 -1.81 16.48
C GLY A 245 -6.38 -1.06 15.30
N TRP A 246 -7.07 -1.00 14.17
CA TRP A 246 -6.50 -0.31 12.97
C TRP A 246 -6.62 1.21 13.08
N PHE A 247 -7.81 1.72 13.27
CA PHE A 247 -7.99 3.18 13.23
C PHE A 247 -9.18 3.61 14.07
N GLU A 248 -9.18 4.91 14.32
CA GLU A 248 -10.28 5.58 15.05
C GLU A 248 -11.12 6.33 14.05
N SER A 249 -12.45 6.25 14.17
CA SER A 249 -13.37 7.01 13.28
C SER A 249 -13.77 8.28 13.97
N LEU A 250 -13.63 9.38 13.27
CA LEU A 250 -14.06 10.65 13.83
C LEU A 250 -15.09 11.31 12.91
N SER A 251 -16.06 12.00 13.53
CA SER A 251 -16.97 12.83 12.69
C SER A 251 -16.22 13.98 12.10
N TRP A 252 -16.70 14.50 10.96
CA TRP A 252 -15.93 15.54 10.32
C TRP A 252 -15.78 16.74 11.22
N GLU A 253 -16.81 17.01 12.01
CA GLU A 253 -16.72 18.13 12.91
C GLU A 253 -15.74 17.88 14.03
N ASN A 254 -15.18 16.67 14.17
CA ASN A 254 -14.23 16.43 15.25
C ASN A 254 -12.81 16.09 14.75
N VAL A 255 -12.52 16.54 13.53
CA VAL A 255 -11.17 16.24 12.97
C VAL A 255 -10.02 16.99 13.66
N ASP A 256 -10.35 18.01 14.47
CA ASP A 256 -9.33 18.69 15.27
C ASP A 256 -9.01 18.03 16.63
N LYS A 257 -9.40 16.77 16.82
CA LYS A 257 -9.16 16.10 18.08
C LYS A 257 -7.72 16.13 18.54
N TYR A 258 -6.82 15.80 17.60
CA TYR A 258 -5.40 15.66 17.88
C TYR A 258 -4.61 16.79 17.22
N PRO A 259 -3.77 17.45 17.97
CA PRO A 259 -2.92 18.48 17.34
C PRO A 259 -1.88 17.74 16.43
N ALA A 260 -1.74 18.20 15.19
CA ALA A 260 -0.82 17.59 14.27
C ALA A 260 -0.08 18.68 13.51
N ASP A 261 1.18 18.44 13.16
CA ASP A 261 1.97 19.34 12.40
C ASP A 261 2.05 18.95 10.91
N VAL A 262 2.09 17.63 10.64
CA VAL A 262 2.10 17.12 9.27
C VAL A 262 0.96 16.09 9.22
N ILE A 263 0.12 16.19 8.22
CA ILE A 263 -0.94 15.14 7.99
C ILE A 263 -0.62 14.39 6.70
N ILE A 264 -0.63 13.03 6.80
CA ILE A 264 -0.42 12.18 5.63
C ILE A 264 -1.75 11.52 5.32
N MET A 265 -2.30 11.81 4.12
CA MET A 265 -3.67 11.39 3.79
C MET A 265 -3.66 10.26 2.75
N ASP A 266 -4.46 9.25 3.04
CA ASP A 266 -4.71 8.11 2.17
C ASP A 266 -4.91 8.60 0.72
N ASP A 267 -4.18 7.96 -0.18
CA ASP A 267 -4.20 8.29 -1.58
C ASP A 267 -5.10 7.40 -2.46
N ARG A 268 -5.81 6.44 -1.86
CA ARG A 268 -6.47 5.45 -2.73
C ARG A 268 -7.77 5.88 -3.36
N ALA A 269 -8.19 5.16 -4.41
CA ALA A 269 -9.39 5.48 -5.18
C ALA A 269 -10.67 5.64 -4.41
N SER A 270 -10.79 4.92 -3.36
CA SER A 270 -12.08 4.96 -2.66
C SER A 270 -12.17 6.16 -1.65
N THR A 271 -11.13 6.94 -1.55
CA THR A 271 -11.02 7.91 -0.48
C THR A 271 -10.94 9.35 -1.06
N ILE A 272 -11.43 10.30 -0.28
CA ILE A 272 -11.40 11.69 -0.71
C ILE A 272 -10.07 12.34 -0.46
N GLN A 273 -9.50 12.83 -1.57
CA GLN A 273 -8.17 13.41 -1.57
C GLN A 273 -8.21 14.79 -0.95
N PRO A 274 -7.08 15.22 -0.35
CA PRO A 274 -7.08 16.46 0.37
C PRO A 274 -7.53 17.66 -0.49
N ALA A 275 -7.17 17.73 -1.76
CA ALA A 275 -7.60 18.90 -2.56
C ALA A 275 -9.13 19.05 -2.66
N ASP A 276 -9.84 17.95 -2.40
CA ASP A 276 -11.26 17.85 -2.65
C ASP A 276 -12.06 17.90 -1.37
N ILE A 277 -11.40 17.93 -0.21
CA ILE A 277 -12.08 17.99 1.04
C ILE A 277 -12.59 19.41 1.27
N THR A 278 -13.88 19.54 1.47
CA THR A 278 -14.48 20.91 1.47
C THR A 278 -14.91 21.25 2.90
N GLU A 279 -14.80 20.26 3.79
CA GLU A 279 -15.34 20.42 5.14
C GLU A 279 -14.55 21.51 5.89
N GLY A 280 -15.28 22.43 6.51
CA GLY A 280 -14.68 23.60 7.16
C GLY A 280 -13.74 23.34 8.31
N THR A 281 -14.03 22.27 9.05
CA THR A 281 -13.18 21.88 10.17
C THR A 281 -11.80 21.43 9.68
N TRP A 282 -11.79 20.70 8.57
CA TRP A 282 -10.51 20.32 7.92
C TRP A 282 -9.72 21.54 7.43
N LYS A 283 -10.42 22.43 6.75
CA LYS A 283 -9.74 23.58 6.13
C LYS A 283 -9.14 24.48 7.18
N GLN A 284 -9.65 24.40 8.38
CA GLN A 284 -9.12 25.18 9.45
C GLN A 284 -8.00 24.53 10.26
N LEU A 285 -7.62 23.31 9.90
CA LEU A 285 -6.54 22.62 10.60
C LEU A 285 -5.21 23.36 10.44
N PRO A 286 -4.48 23.54 11.53
CA PRO A 286 -3.19 24.23 11.50
C PRO A 286 -2.28 23.67 10.40
N ALA A 287 -2.24 22.35 10.28
CA ALA A 287 -1.43 21.68 9.29
C ALA A 287 -1.92 21.98 7.88
N VAL A 288 -3.24 21.97 7.69
CA VAL A 288 -3.80 22.26 6.35
C VAL A 288 -3.55 23.74 5.95
N LYS A 289 -3.73 24.64 6.90
CA LYS A 289 -3.47 26.06 6.64
C LYS A 289 -2.03 26.28 6.35
N ALA A 290 -1.13 25.52 7.01
CA ALA A 290 0.33 25.66 6.75
C ALA A 290 0.80 24.96 5.49
N GLY A 291 -0.08 24.26 4.81
CA GLY A 291 0.36 23.53 3.62
C GLY A 291 1.17 22.28 3.92
N GLN A 292 1.05 21.69 5.13
CA GLN A 292 1.84 20.57 5.60
C GLN A 292 1.07 19.24 5.53
N VAL A 293 0.46 19.00 4.40
CA VAL A 293 -0.32 17.78 4.10
C VAL A 293 0.34 17.16 2.89
N ILE A 294 0.62 15.86 3.01
CA ILE A 294 1.09 15.08 1.90
C ILE A 294 0.34 13.83 1.73
N ALA A 295 0.67 12.96 0.77
CA ALA A 295 0.02 11.64 0.65
C ALA A 295 0.62 10.62 1.59
N ARG A 296 -0.25 9.68 1.96
CA ARG A 296 0.14 8.43 2.51
C ARG A 296 -0.35 7.34 1.54
N SER A 297 0.45 6.26 1.36
CA SER A 297 -0.05 5.10 0.61
C SER A 297 -0.29 3.95 1.59
N PRO A 298 -1.53 3.77 2.10
CA PRO A 298 -1.73 2.69 3.08
C PRO A 298 -1.57 1.31 2.44
N GLU A 299 -1.59 1.26 1.10
CA GLU A 299 -1.23 -0.01 0.37
C GLU A 299 0.02 0.29 -0.46
N PRO A 300 1.20 0.34 0.15
CA PRO A 300 2.42 0.52 -0.65
C PRO A 300 2.47 -0.52 -1.74
N ILE A 301 2.99 -0.10 -2.89
CA ILE A 301 3.34 -1.03 -3.97
C ILE A 301 4.69 -1.56 -3.54
N LEU A 302 4.73 -2.87 -3.40
CA LEU A 302 5.87 -3.56 -2.75
C LEU A 302 7.13 -3.75 -3.66
N SER A 303 7.55 -2.65 -4.29
CA SER A 303 8.87 -2.56 -4.92
C SER A 303 9.66 -1.48 -4.21
N TYR A 304 10.97 -1.66 -4.18
CA TYR A 304 11.78 -0.57 -3.59
C TYR A 304 11.57 0.72 -4.33
N ASP A 305 11.40 0.67 -5.64
CA ASP A 305 11.20 1.83 -6.43
C ASP A 305 9.99 2.62 -5.93
N LYS A 306 8.92 1.90 -5.73
CA LYS A 306 7.71 2.62 -5.30
C LYS A 306 7.58 2.92 -3.84
N CYS A 307 8.45 2.35 -3.03
CA CYS A 307 8.44 2.71 -1.59
C CYS A 307 9.44 3.80 -1.22
N THR A 308 10.47 3.97 -2.04
CA THR A 308 11.45 5.06 -1.86
C THR A 308 10.76 6.40 -1.73
N PRO A 309 9.75 6.73 -2.61
CA PRO A 309 9.12 8.05 -2.47
C PRO A 309 8.33 8.19 -1.18
N LEU A 310 7.85 7.07 -0.63
CA LEU A 310 7.08 7.18 0.58
C LEU A 310 8.01 7.70 1.71
N LEU A 311 9.26 7.17 1.72
CA LEU A 311 10.25 7.67 2.69
C LEU A 311 10.71 9.10 2.42
N ASP A 312 11.05 9.37 1.13
CA ASP A 312 11.49 10.76 0.78
C ASP A 312 10.36 11.74 1.07
N ASN A 313 9.12 11.40 0.71
CA ASN A 313 8.08 12.45 0.84
C ASN A 313 7.86 12.80 2.30
N LEU A 314 7.86 11.80 3.15
CA LEU A 314 7.65 12.03 4.58
C LEU A 314 8.87 12.72 5.23
N ALA A 315 10.09 12.25 4.84
CA ALA A 315 11.25 13.01 5.26
C ALA A 315 11.21 14.51 4.88
N GLU A 316 10.88 14.79 3.63
CA GLU A 316 10.80 16.16 3.15
C GLU A 316 9.79 16.97 3.98
N ALA A 317 8.63 16.39 4.27
CA ALA A 317 7.63 17.09 4.97
C ALA A 317 8.12 17.42 6.40
N ILE A 318 8.78 16.43 7.02
CA ILE A 318 9.28 16.66 8.39
C ILE A 318 10.42 17.67 8.41
N GLU A 319 11.31 17.56 7.45
CA GLU A 319 12.46 18.50 7.35
C GLU A 319 12.01 19.94 7.29
N ASN A 320 10.90 20.17 6.58
CA ASN A 320 10.46 21.55 6.33
C ASN A 320 9.31 22.00 7.20
N ALA A 321 8.76 21.10 8.01
CA ALA A 321 7.55 21.44 8.77
C ALA A 321 7.84 22.44 9.89
N LYS A 322 6.86 23.32 10.12
CA LYS A 322 6.78 24.14 11.31
C LYS A 322 5.87 23.47 12.31
N LYS A 323 6.15 23.59 13.62
CA LYS A 323 5.27 23.05 14.60
C LYS A 323 4.09 24.03 14.65
N VAL A 324 2.90 23.54 14.34
CA VAL A 324 1.70 24.43 14.23
C VAL A 324 0.46 23.93 14.97
N GLY A 325 0.38 22.62 15.28
CA GLY A 325 -0.83 22.02 15.78
C GLY A 325 -1.19 22.47 17.18
#